data_3RD8
#
_entry.id   3RD8
#
_cell.length_a   72.490
_cell.length_b   105.250
_cell.length_c   139.020
_cell.angle_alpha   90.00
_cell.angle_beta   90.00
_cell.angle_gamma   90.00
#
_symmetry.space_group_name_H-M   'I 2 2 2'
#
loop_
_entity.id
_entity.type
_entity.pdbx_description
1 polymer 'Fumarate hydratase class II'
2 water water
#
_entity_poly.entity_id   1
_entity_poly.type   'polypeptide(L)'
_entity_poly.pdbx_seq_one_letter_code
;MAHHHHHHMGTLEAQTQGPGSMADTDVEYRIEHDTMGEVRVPKDALWRAQTQRAVENFPISFRGLERTQIRALGLLKAAC
AQVNKDLGLLDPEKADAIIAAAGEIAEGKHDDQFPIDVFQTGSGTSSNMNTNEVIASIAAANGVTVHPNDHVNMSQSSND
TFPTATHIAATEAAVRHLIPALEVLHASLAAKAKQWRTVVKSGRTHLMDAVPVTLGQEFGGYARQIEAGIERVKATLPRL
GELAIGGTAVGTGLNAPEGFGAKVVEVLVNETGLAELRTAVDSFEAQAARDGLVEASGALRTIAVSLTKIANDIRWMGSG
PLTGLAEIQLPDLQPGSSIMPGKVNPVLPEAVTQVACQVVGNDAAIAFGGASGAFELNVYIPMMARNLLESFTLLSNVSR
LFAERCIDGLVANEERLRELAESSPSIVTPLNSAIGYEEAAKVAKQALAEKKTIRQTVIDRGLIGDKLSLEELDRRLDVL
AMARVKDGE
;
_entity_poly.pdbx_strand_id   A
#
# COMPACT_ATOMS: atom_id res chain seq x y z
N GLU A 28 37.79 8.43 -14.66
CA GLU A 28 38.07 8.33 -16.13
C GLU A 28 36.82 8.43 -17.05
N TYR A 29 36.92 9.21 -18.12
CA TYR A 29 35.75 9.60 -18.94
C TYR A 29 35.91 9.34 -20.46
N ARG A 30 34.78 9.25 -21.14
CA ARG A 30 34.69 9.34 -22.60
C ARG A 30 33.75 10.47 -22.99
N ILE A 31 33.81 10.88 -24.25
CA ILE A 31 32.95 11.91 -24.82
C ILE A 31 31.73 11.29 -25.52
N GLU A 32 30.54 11.80 -25.19
CA GLU A 32 29.31 11.52 -25.93
C GLU A 32 28.66 12.86 -26.31
N HIS A 33 27.69 12.84 -27.21
CA HIS A 33 26.96 14.05 -27.51
C HIS A 33 25.48 13.76 -27.64
N ASP A 34 24.71 14.83 -27.59
CA ASP A 34 23.30 14.81 -27.86
C ASP A 34 23.10 16.08 -28.70
N THR A 35 21.84 16.45 -28.97
CA THR A 35 21.56 17.63 -29.82
C THR A 35 21.99 18.98 -29.20
N MET A 36 22.30 18.99 -27.92
CA MET A 36 22.73 20.19 -27.22
C MET A 36 24.26 20.27 -27.17
N GLY A 37 24.95 19.17 -27.43
CA GLY A 37 26.42 19.21 -27.49
C GLY A 37 27.12 18.06 -26.78
N GLU A 38 28.40 18.27 -26.47
CA GLU A 38 29.25 17.22 -25.94
C GLU A 38 29.25 17.18 -24.43
N VAL A 39 29.28 15.96 -23.88
CA VAL A 39 29.22 15.69 -22.44
C VAL A 39 30.21 14.58 -22.05
N ARG A 40 30.98 14.79 -20.98
CA ARG A 40 31.82 13.72 -20.44
C ARG A 40 31.01 12.75 -19.63
N VAL A 41 31.18 11.47 -19.92
CA VAL A 41 30.44 10.35 -19.31
C VAL A 41 31.47 9.35 -18.76
N PRO A 42 31.24 8.79 -17.55
CA PRO A 42 32.25 7.79 -17.11
C PRO A 42 32.46 6.66 -18.12
N LYS A 43 33.73 6.31 -18.31
CA LYS A 43 34.18 5.41 -19.38
C LYS A 43 33.41 4.10 -19.36
N ASP A 44 33.19 3.54 -18.17
CA ASP A 44 32.52 2.24 -18.04
C ASP A 44 30.98 2.34 -17.81
N ALA A 45 30.42 3.55 -17.88
CA ALA A 45 28.97 3.74 -17.71
C ALA A 45 28.27 3.37 -19.02
N LEU A 46 27.15 2.65 -18.91
CA LEU A 46 26.38 2.25 -20.09
C LEU A 46 25.42 3.36 -20.57
N TRP A 47 25.18 4.34 -19.69
CA TRP A 47 24.41 5.50 -20.06
C TRP A 47 25.27 6.45 -20.88
N ARG A 48 24.62 7.47 -21.43
CA ARG A 48 25.28 8.37 -22.36
C ARG A 48 24.99 9.85 -22.04
N ALA A 49 24.97 10.71 -23.05
CA ALA A 49 25.01 12.18 -22.81
C ALA A 49 23.88 12.69 -21.94
N GLN A 50 22.66 12.33 -22.30
CA GLN A 50 21.49 12.90 -21.69
C GLN A 50 21.34 12.44 -20.26
N THR A 51 21.60 11.15 -20.00
CA THR A 51 21.61 10.67 -18.62
C THR A 51 22.59 11.46 -17.76
N GLN A 52 23.76 11.73 -18.34
CA GLN A 52 24.83 12.41 -17.61
C GLN A 52 24.48 13.85 -17.31
N ARG A 53 23.84 14.54 -18.26
CA ARG A 53 23.33 15.89 -17.98
C ARG A 53 22.33 15.86 -16.81
N ALA A 54 21.48 14.84 -16.76
CA ALA A 54 20.48 14.74 -15.69
C ALA A 54 21.17 14.47 -14.37
N VAL A 55 22.24 13.68 -14.40
CA VAL A 55 23.05 13.51 -13.19
C VAL A 55 23.52 14.85 -12.63
N GLU A 56 23.94 15.76 -13.50
CA GLU A 56 24.49 17.05 -13.08
C GLU A 56 23.38 18.04 -12.78
N ASN A 57 22.28 17.91 -13.50
CA ASN A 57 21.18 18.84 -13.33
C ASN A 57 20.35 18.62 -12.06
N PHE A 58 20.25 17.39 -11.56
CA PHE A 58 19.29 17.08 -10.46
C PHE A 58 19.88 16.35 -9.23
N PRO A 59 21.06 16.74 -8.72
CA PRO A 59 21.56 16.15 -7.45
C PRO A 59 20.79 16.71 -6.25
N ILE A 60 19.66 16.07 -5.94
CA ILE A 60 18.68 16.66 -5.03
C ILE A 60 18.41 15.70 -3.89
N SER A 61 17.99 14.49 -4.18
CA SER A 61 17.74 13.49 -3.16
C SER A 61 18.80 12.38 -3.12
N PHE A 62 19.48 12.19 -4.25
CA PHE A 62 20.42 11.11 -4.45
C PHE A 62 19.79 9.74 -4.31
N ARG A 63 18.49 9.64 -4.62
CA ARG A 63 17.82 8.35 -4.72
C ARG A 63 17.23 8.35 -6.13
N GLY A 64 17.46 7.26 -6.86
CA GLY A 64 16.95 7.11 -8.22
C GLY A 64 15.75 6.21 -8.28
N LEU A 65 15.43 5.72 -9.48
CA LEU A 65 14.25 4.87 -9.69
C LEU A 65 14.36 3.57 -8.91
N GLU A 66 13.21 3.03 -8.49
CA GLU A 66 13.17 1.76 -7.80
C GLU A 66 13.31 0.60 -8.76
N ARG A 67 13.68 -0.55 -8.19
CA ARG A 67 13.75 -1.79 -8.93
C ARG A 67 12.51 -1.97 -9.80
N THR A 68 11.33 -1.77 -9.24
CA THR A 68 10.12 -2.09 -10.00
C THR A 68 9.86 -1.13 -11.16
N GLN A 69 10.29 0.12 -11.02
CA GLN A 69 10.23 1.10 -12.09
C GLN A 69 11.20 0.81 -13.21
N ILE A 70 12.42 0.42 -12.86
CA ILE A 70 13.42 0.07 -13.87
C ILE A 70 12.92 -1.12 -14.64
N ARG A 71 12.33 -2.10 -13.95
CA ARG A 71 11.75 -3.30 -14.56
CA ARG A 71 11.81 -3.28 -14.61
C ARG A 71 10.67 -2.92 -15.57
N ALA A 72 9.74 -2.08 -15.12
CA ALA A 72 8.65 -1.68 -15.99
C ALA A 72 9.20 -1.01 -17.26
N LEU A 73 10.22 -0.17 -17.12
CA LEU A 73 10.76 0.51 -18.29
C LEU A 73 11.36 -0.54 -19.25
N GLY A 74 12.08 -1.51 -18.71
CA GLY A 74 12.64 -2.59 -19.51
C GLY A 74 11.56 -3.34 -20.28
N LEU A 75 10.54 -3.81 -19.57
CA LEU A 75 9.46 -4.56 -20.21
C LEU A 75 8.82 -3.71 -21.31
N LEU A 76 8.65 -2.43 -21.01
CA LEU A 76 7.95 -1.54 -21.91
C LEU A 76 8.75 -1.38 -23.19
N LYS A 77 10.05 -1.20 -23.05
CA LYS A 77 10.90 -1.02 -24.22
C LYS A 77 10.95 -2.29 -25.06
N ALA A 78 10.99 -3.44 -24.39
CA ALA A 78 10.96 -4.70 -25.09
C ALA A 78 9.66 -4.76 -25.87
N ALA A 79 8.53 -4.49 -25.21
CA ALA A 79 7.22 -4.60 -25.88
C ALA A 79 7.09 -3.69 -27.12
N CYS A 80 7.60 -2.45 -27.02
CA CYS A 80 7.48 -1.49 -28.12
C CYS A 80 8.34 -1.93 -29.29
N ALA A 81 9.52 -2.47 -28.98
CA ALA A 81 10.42 -2.96 -30.02
C ALA A 81 9.75 -4.12 -30.78
N GLN A 82 9.14 -5.05 -30.05
CA GLN A 82 8.40 -6.16 -30.64
C GLN A 82 7.31 -5.66 -31.58
N VAL A 83 6.55 -4.67 -31.14
CA VAL A 83 5.46 -4.19 -31.99
C VAL A 83 6.04 -3.50 -33.21
N ASN A 84 7.05 -2.66 -33.02
CA ASN A 84 7.72 -2.03 -34.15
C ASN A 84 8.26 -3.10 -35.11
N LYS A 85 8.79 -4.20 -34.58
CA LYS A 85 9.23 -5.30 -35.43
C LYS A 85 8.06 -5.88 -36.18
N ASP A 86 6.98 -6.16 -35.46
CA ASP A 86 5.81 -6.81 -36.05
C ASP A 86 5.26 -6.00 -37.22
N LEU A 87 5.34 -4.68 -37.13
CA LEU A 87 4.72 -3.80 -38.11
C LEU A 87 5.69 -3.43 -39.26
N GLY A 88 6.89 -4.00 -39.25
CA GLY A 88 7.88 -3.76 -40.28
C GLY A 88 8.61 -2.44 -40.21
N LEU A 89 8.47 -1.72 -39.09
CA LEU A 89 9.03 -0.40 -38.92
C LEU A 89 10.45 -0.44 -38.35
N LEU A 90 10.88 -1.56 -37.80
CA LEU A 90 12.17 -1.64 -37.14
C LEU A 90 12.90 -2.92 -37.58
N ASP A 91 14.13 -2.75 -38.05
CA ASP A 91 14.96 -3.87 -38.46
C ASP A 91 15.00 -4.96 -37.36
N PRO A 92 14.67 -6.23 -37.71
CA PRO A 92 14.69 -7.34 -36.76
C PRO A 92 15.98 -7.49 -35.97
N GLU A 93 17.14 -7.30 -36.61
CA GLU A 93 18.41 -7.39 -35.87
C GLU A 93 18.48 -6.34 -34.76
N LYS A 94 18.08 -5.11 -35.10
CA LYS A 94 18.07 -4.03 -34.12
C LYS A 94 16.98 -4.28 -33.07
N ALA A 95 15.78 -4.67 -33.52
CA ALA A 95 14.67 -4.96 -32.59
C ALA A 95 15.06 -6.05 -31.59
N ASP A 96 15.67 -7.11 -32.10
CA ASP A 96 15.99 -8.26 -31.27
C ASP A 96 17.04 -7.90 -30.22
N ALA A 97 18.03 -7.11 -30.60
CA ALA A 97 19.04 -6.62 -29.66
C ALA A 97 18.45 -5.64 -28.64
N ILE A 98 17.47 -4.84 -29.05
CA ILE A 98 16.77 -3.96 -28.13
C ILE A 98 15.94 -4.80 -27.15
N ILE A 99 15.23 -5.82 -27.66
CA ILE A 99 14.43 -6.71 -26.83
C ILE A 99 15.33 -7.45 -25.82
N ALA A 100 16.46 -7.97 -26.29
CA ALA A 100 17.40 -8.66 -25.39
C ALA A 100 17.99 -7.70 -24.34
N ALA A 101 18.40 -6.50 -24.77
CA ALA A 101 19.00 -5.51 -23.87
C ALA A 101 17.98 -5.08 -22.81
N ALA A 102 16.78 -4.75 -23.29
CA ALA A 102 15.66 -4.40 -22.43
C ALA A 102 15.38 -5.50 -21.44
N GLY A 103 15.54 -6.75 -21.85
CA GLY A 103 15.31 -7.88 -20.96
C GLY A 103 16.33 -7.95 -19.82
N GLU A 104 17.59 -7.63 -20.11
CA GLU A 104 18.62 -7.56 -19.08
C GLU A 104 18.29 -6.50 -18.05
N ILE A 105 17.80 -5.36 -18.54
CA ILE A 105 17.36 -4.25 -17.69
C ILE A 105 16.17 -4.69 -16.83
N ALA A 106 15.16 -5.26 -17.48
CA ALA A 106 13.97 -5.78 -16.78
C ALA A 106 14.35 -6.78 -15.69
N GLU A 107 15.35 -7.61 -15.94
CA GLU A 107 15.75 -8.60 -14.95
C GLU A 107 16.58 -8.02 -13.81
N GLY A 108 17.07 -6.78 -13.95
CA GLY A 108 17.83 -6.14 -12.88
C GLY A 108 19.35 -6.36 -12.95
N LYS A 109 19.87 -6.53 -14.16
CA LYS A 109 21.32 -6.64 -14.32
C LYS A 109 21.98 -5.28 -14.38
N HIS A 110 21.19 -4.23 -14.54
CA HIS A 110 21.75 -2.90 -14.82
C HIS A 110 21.19 -1.76 -14.00
N ASP A 111 20.62 -2.06 -12.84
CA ASP A 111 20.10 -1.02 -11.96
C ASP A 111 21.09 0.08 -11.61
N ASP A 112 22.38 -0.25 -11.51
CA ASP A 112 23.38 0.76 -11.21
CA ASP A 112 23.40 0.75 -11.21
C ASP A 112 23.73 1.64 -12.42
N GLN A 113 23.09 1.36 -13.57
CA GLN A 113 23.21 2.21 -14.77
C GLN A 113 22.05 3.22 -14.86
N PHE A 114 21.31 3.37 -13.76
CA PHE A 114 20.18 4.29 -13.65
C PHE A 114 20.38 5.25 -12.46
N PRO A 115 21.29 6.22 -12.64
CA PRO A 115 21.69 7.09 -11.55
C PRO A 115 20.87 8.36 -11.45
N ILE A 116 19.86 8.55 -12.30
CA ILE A 116 19.11 9.82 -12.31
C ILE A 116 18.18 9.96 -11.09
N ASP A 117 18.17 11.15 -10.48
CA ASP A 117 17.36 11.46 -9.30
C ASP A 117 15.91 11.33 -9.61
N VAL A 118 15.14 11.02 -8.57
CA VAL A 118 13.69 11.06 -8.65
C VAL A 118 13.27 12.48 -9.07
N PHE A 119 13.93 13.48 -8.51
CA PHE A 119 13.51 14.86 -8.73
C PHE A 119 14.10 15.45 -10.00
N GLN A 120 13.71 14.82 -11.10
CA GLN A 120 14.12 15.17 -12.45
C GLN A 120 12.97 15.91 -13.16
N THR A 121 13.20 16.28 -14.40
CA THR A 121 12.12 16.79 -15.25
C THR A 121 10.87 15.93 -15.08
N GLY A 122 9.74 16.61 -14.90
CA GLY A 122 8.53 15.99 -14.39
C GLY A 122 7.79 15.05 -15.34
N SER A 123 8.23 15.00 -16.60
CA SER A 123 7.73 14.02 -17.56
C SER A 123 8.46 12.68 -17.47
N GLY A 124 9.55 12.62 -16.73
CA GLY A 124 10.44 11.45 -16.79
C GLY A 124 11.28 11.34 -18.08
N THR A 125 11.41 12.41 -18.86
CA THR A 125 12.27 12.39 -20.07
C THR A 125 13.62 11.77 -19.78
N SER A 126 14.25 12.21 -18.71
CA SER A 126 15.60 11.80 -18.41
C SER A 126 15.69 10.29 -18.18
N SER A 127 14.78 9.74 -17.38
CA SER A 127 14.80 8.28 -17.15
C SER A 127 14.40 7.53 -18.40
N ASN A 128 13.52 8.11 -19.21
CA ASN A 128 13.21 7.46 -20.47
C ASN A 128 14.50 7.37 -21.33
N MET A 129 15.17 8.51 -21.51
CA MET A 129 16.44 8.53 -22.24
C MET A 129 17.52 7.64 -21.59
N ASN A 130 17.52 7.57 -20.26
CA ASN A 130 18.46 6.71 -19.53
C ASN A 130 18.26 5.27 -19.98
N THR A 131 16.99 4.86 -20.15
CA THR A 131 16.70 3.51 -20.60
C THR A 131 17.13 3.30 -22.07
N ASN A 132 16.80 4.27 -22.91
CA ASN A 132 17.18 4.22 -24.32
C ASN A 132 18.69 4.12 -24.50
N GLU A 133 19.44 4.93 -23.76
CA GLU A 133 20.89 4.98 -23.87
C GLU A 133 21.55 3.71 -23.32
N VAL A 134 21.09 3.22 -22.18
CA VAL A 134 21.66 1.98 -21.64
C VAL A 134 21.44 0.76 -22.62
N ILE A 135 20.23 0.68 -23.21
CA ILE A 135 19.93 -0.34 -24.24
C ILE A 135 20.85 -0.19 -25.43
N ALA A 136 21.08 1.05 -25.87
CA ALA A 136 21.94 1.33 -26.99
C ALA A 136 23.36 0.81 -26.72
N SER A 137 23.87 1.03 -25.51
CA SER A 137 25.23 0.65 -25.14
C SER A 137 25.38 -0.85 -24.92
N ILE A 138 24.32 -1.51 -24.43
CA ILE A 138 24.34 -2.97 -24.31
C ILE A 138 24.36 -3.60 -25.70
N ALA A 139 23.46 -3.13 -26.57
CA ALA A 139 23.37 -3.61 -27.94
C ALA A 139 24.69 -3.39 -28.69
N ALA A 140 25.31 -2.21 -28.51
CA ALA A 140 26.62 -1.91 -29.13
C ALA A 140 27.65 -2.95 -28.74
N ALA A 141 27.60 -3.40 -27.49
CA ALA A 141 28.51 -4.42 -26.98
C ALA A 141 28.24 -5.80 -27.57
N ASN A 142 27.03 -5.99 -28.11
CA ASN A 142 26.66 -7.22 -28.82
C ASN A 142 26.70 -7.06 -30.35
N GLY A 143 27.41 -6.04 -30.84
CA GLY A 143 27.65 -5.91 -32.29
C GLY A 143 26.62 -5.15 -33.10
N VAL A 144 25.65 -4.54 -32.42
CA VAL A 144 24.54 -3.90 -33.08
C VAL A 144 24.41 -2.43 -32.69
N THR A 145 24.24 -1.60 -33.72
CA THR A 145 24.16 -0.17 -33.58
C THR A 145 22.70 0.28 -33.66
N VAL A 146 22.15 0.70 -32.51
CA VAL A 146 20.80 1.23 -32.40
C VAL A 146 20.85 2.63 -31.79
N HIS A 147 20.13 3.54 -32.41
CA HIS A 147 20.09 4.93 -31.98
C HIS A 147 19.09 5.04 -30.82
N PRO A 148 19.50 5.65 -29.70
CA PRO A 148 18.57 5.82 -28.58
C PRO A 148 17.20 6.43 -28.95
N ASN A 149 17.19 7.46 -29.80
CA ASN A 149 15.93 8.07 -30.22
C ASN A 149 15.30 7.27 -31.35
N ASP A 150 16.03 7.21 -32.47
CA ASP A 150 15.45 6.74 -33.74
C ASP A 150 15.02 5.28 -33.69
N HIS A 151 15.69 4.47 -32.88
CA HIS A 151 15.34 3.06 -32.77
C HIS A 151 14.78 2.64 -31.42
N VAL A 152 15.52 2.90 -30.34
CA VAL A 152 15.08 2.39 -29.07
C VAL A 152 13.78 3.12 -28.66
N ASN A 153 13.64 4.39 -29.02
CA ASN A 153 12.45 5.20 -28.71
C ASN A 153 11.48 5.30 -29.89
N MET A 154 11.62 4.42 -30.89
CA MET A 154 10.74 4.47 -32.07
C MET A 154 9.24 4.36 -31.69
N SER A 155 8.43 5.29 -32.23
CA SER A 155 6.97 5.31 -32.04
C SER A 155 6.55 5.77 -30.62
N GLN A 156 7.49 6.36 -29.87
CA GLN A 156 7.29 6.69 -28.46
C GLN A 156 7.63 8.15 -28.10
N SER A 157 7.15 8.54 -26.93
CA SER A 157 7.52 9.77 -26.23
C SER A 157 7.78 9.36 -24.79
N SER A 158 8.44 10.21 -24.02
CA SER A 158 8.46 10.00 -22.57
C SER A 158 7.04 10.19 -22.01
N ASN A 159 6.24 10.98 -22.75
CA ASN A 159 4.98 11.50 -22.24
C ASN A 159 3.90 10.41 -22.19
N ASP A 160 4.09 9.37 -22.99
CA ASP A 160 3.27 8.18 -22.84
C ASP A 160 4.02 7.04 -22.16
N THR A 161 5.33 6.92 -22.40
CA THR A 161 6.07 5.77 -21.84
C THR A 161 6.32 5.89 -20.35
N PHE A 162 6.70 7.05 -19.85
CA PHE A 162 6.97 7.13 -18.42
C PHE A 162 5.71 6.90 -17.57
N PRO A 163 4.58 7.57 -17.91
CA PRO A 163 3.40 7.22 -17.14
C PRO A 163 2.98 5.76 -17.35
N THR A 164 3.23 5.22 -18.54
CA THR A 164 2.88 3.83 -18.76
C THR A 164 3.65 2.94 -17.82
N ALA A 165 4.96 3.16 -17.72
CA ALA A 165 5.79 2.34 -16.84
C ALA A 165 5.38 2.49 -15.37
N THR A 166 4.98 3.71 -15.02
CA THR A 166 4.53 4.00 -13.68
C THR A 166 3.26 3.24 -13.34
N HIS A 167 2.28 3.23 -14.25
CA HIS A 167 1.03 2.49 -14.03
C HIS A 167 1.19 0.95 -14.08
N ILE A 168 2.12 0.46 -14.91
CA ILE A 168 2.47 -0.96 -14.85
C ILE A 168 3.05 -1.28 -13.48
N ALA A 169 4.03 -0.50 -13.03
CA ALA A 169 4.61 -0.75 -11.71
C ALA A 169 3.55 -0.73 -10.58
N ALA A 170 2.70 0.30 -10.60
CA ALA A 170 1.65 0.47 -9.59
C ALA A 170 0.66 -0.70 -9.62
N THR A 171 0.22 -1.10 -10.81
CA THR A 171 -0.69 -2.22 -10.98
C THR A 171 -0.08 -3.54 -10.53
N GLU A 172 1.16 -3.81 -10.93
CA GLU A 172 1.86 -5.03 -10.45
C GLU A 172 1.97 -5.00 -8.92
N ALA A 173 2.33 -3.84 -8.36
CA ALA A 173 2.43 -3.68 -6.90
C ALA A 173 1.08 -4.00 -6.24
N ALA A 174 -0.02 -3.51 -6.80
CA ALA A 174 -1.35 -3.74 -6.20
C ALA A 174 -1.73 -5.22 -6.26
N VAL A 175 -1.59 -5.78 -7.46
CA VAL A 175 -2.09 -7.12 -7.73
C VAL A 175 -1.19 -8.23 -7.16
N ARG A 176 0.12 -8.05 -7.29
CA ARG A 176 1.08 -9.11 -6.95
C ARG A 176 1.68 -8.96 -5.57
N HIS A 177 1.63 -7.78 -4.98
CA HIS A 177 2.26 -7.59 -3.68
C HIS A 177 1.30 -7.18 -2.56
N LEU A 178 0.55 -6.11 -2.75
CA LEU A 178 -0.25 -5.60 -1.66
C LEU A 178 -1.45 -6.50 -1.37
N ILE A 179 -2.20 -6.89 -2.39
CA ILE A 179 -3.37 -7.68 -2.19
C ILE A 179 -3.04 -9.04 -1.53
N PRO A 180 -2.02 -9.74 -2.04
CA PRO A 180 -1.64 -10.97 -1.31
C PRO A 180 -1.21 -10.77 0.16
N ALA A 181 -0.50 -9.68 0.42
CA ALA A 181 -0.05 -9.35 1.77
C ALA A 181 -1.26 -9.08 2.67
N LEU A 182 -2.23 -8.31 2.15
CA LEU A 182 -3.47 -8.04 2.87
C LEU A 182 -4.31 -9.30 3.11
N GLU A 183 -4.21 -10.26 2.20
CA GLU A 183 -4.95 -11.49 2.35
C GLU A 183 -4.38 -12.35 3.49
N VAL A 184 -3.06 -12.35 3.63
CA VAL A 184 -2.41 -12.98 4.76
C VAL A 184 -2.88 -12.31 6.04
N LEU A 185 -2.88 -10.97 6.06
CA LEU A 185 -3.29 -10.23 7.26
C LEU A 185 -4.75 -10.50 7.57
N HIS A 186 -5.58 -10.56 6.53
CA HIS A 186 -6.98 -10.86 6.69
C HIS A 186 -7.16 -12.24 7.30
N ALA A 187 -6.51 -13.24 6.71
CA ALA A 187 -6.56 -14.61 7.25
C ALA A 187 -6.15 -14.67 8.72
N SER A 188 -5.09 -13.96 9.06
CA SER A 188 -4.57 -13.99 10.41
C SER A 188 -5.60 -13.40 11.36
N LEU A 189 -6.21 -12.28 10.98
CA LEU A 189 -7.19 -11.65 11.86
C LEU A 189 -8.47 -12.52 11.97
N ALA A 190 -8.90 -13.11 10.85
CA ALA A 190 -10.11 -13.91 10.83
C ALA A 190 -9.89 -15.19 11.65
N ALA A 191 -8.66 -15.70 11.66
CA ALA A 191 -8.33 -16.90 12.45
C ALA A 191 -8.51 -16.56 13.93
N LYS A 192 -8.13 -15.34 14.30
CA LYS A 192 -8.33 -14.93 15.70
C LYS A 192 -9.81 -14.65 16.01
N ALA A 193 -10.54 -14.08 15.06
CA ALA A 193 -11.98 -13.90 15.20
C ALA A 193 -12.65 -15.25 15.55
N LYS A 194 -12.27 -16.30 14.83
CA LYS A 194 -12.76 -17.65 15.11
C LYS A 194 -12.25 -18.19 16.46
N GLN A 195 -10.94 -18.07 16.72
CA GLN A 195 -10.34 -18.63 17.92
C GLN A 195 -10.95 -18.04 19.18
N TRP A 196 -11.26 -16.75 19.12
CA TRP A 196 -11.69 -16.03 20.30
C TRP A 196 -13.20 -15.74 20.35
N ARG A 197 -13.96 -16.48 19.53
CA ARG A 197 -15.43 -16.41 19.39
C ARG A 197 -16.22 -16.23 20.68
N THR A 198 -15.83 -16.96 21.71
CA THR A 198 -16.53 -16.93 22.98
C THR A 198 -15.65 -16.37 24.07
N VAL A 199 -14.58 -15.67 23.74
CA VAL A 199 -13.74 -15.03 24.76
C VAL A 199 -14.32 -13.66 25.10
N VAL A 200 -15.11 -13.66 26.17
CA VAL A 200 -15.92 -12.52 26.58
C VAL A 200 -15.06 -11.50 27.31
N LYS A 201 -15.37 -10.23 27.08
CA LYS A 201 -14.66 -9.14 27.71
C LYS A 201 -15.53 -7.90 27.74
N SER A 202 -15.08 -6.90 28.47
CA SER A 202 -15.83 -5.65 28.47
C SER A 202 -15.57 -4.88 27.20
N GLY A 203 -16.64 -4.50 26.52
CA GLY A 203 -16.52 -3.51 25.44
C GLY A 203 -16.09 -2.18 26.04
N ARG A 204 -15.51 -1.30 25.20
CA ARG A 204 -15.20 0.06 25.65
C ARG A 204 -15.62 1.07 24.60
N THR A 205 -16.36 2.10 25.03
CA THR A 205 -16.74 3.21 24.16
C THR A 205 -16.34 4.50 24.84
N HIS A 206 -15.75 5.40 24.06
CA HIS A 206 -15.24 6.66 24.60
C HIS A 206 -14.09 6.40 25.56
N LEU A 207 -13.53 5.19 25.51
CA LEU A 207 -12.57 4.62 26.51
C LEU A 207 -13.20 4.22 27.84
N MET A 208 -14.52 4.29 27.95
CA MET A 208 -15.18 3.98 29.22
C MET A 208 -15.90 2.62 29.17
N ASP A 209 -16.09 2.04 30.35
CA ASP A 209 -16.73 0.73 30.50
C ASP A 209 -18.05 0.64 29.73
N ALA A 210 -18.17 -0.34 28.84
CA ALA A 210 -19.39 -0.55 28.06
C ALA A 210 -19.94 -1.95 28.31
N VAL A 211 -20.90 -2.38 27.51
CA VAL A 211 -21.47 -3.72 27.65
C VAL A 211 -20.52 -4.74 26.98
N PRO A 212 -20.71 -6.04 27.25
CA PRO A 212 -19.74 -7.01 26.80
C PRO A 212 -19.69 -7.27 25.29
N VAL A 213 -18.49 -7.64 24.85
CA VAL A 213 -18.23 -8.13 23.50
C VAL A 213 -17.32 -9.34 23.65
N THR A 214 -16.93 -9.96 22.55
CA THR A 214 -15.88 -10.96 22.62
C THR A 214 -14.67 -10.43 21.92
N LEU A 215 -13.50 -10.90 22.35
CA LEU A 215 -12.28 -10.54 21.68
C LEU A 215 -12.44 -10.93 20.21
N GLY A 216 -13.10 -12.06 19.95
CA GLY A 216 -13.29 -12.52 18.57
C GLY A 216 -14.08 -11.55 17.71
N GLN A 217 -15.10 -10.94 18.31
CA GLN A 217 -15.89 -9.93 17.59
C GLN A 217 -15.03 -8.75 17.14
N GLU A 218 -14.17 -8.28 18.05
CA GLU A 218 -13.31 -7.15 17.77
C GLU A 218 -12.41 -7.49 16.58
N PHE A 219 -11.78 -8.67 16.62
CA PHE A 219 -10.89 -9.13 15.54
C PHE A 219 -11.65 -9.37 14.26
N GLY A 220 -12.93 -9.68 14.37
CA GLY A 220 -13.76 -9.81 13.19
C GLY A 220 -14.00 -8.48 12.53
N GLY A 221 -14.06 -7.43 13.36
CA GLY A 221 -14.09 -6.07 12.87
C GLY A 221 -12.81 -5.68 12.15
N TYR A 222 -11.67 -6.02 12.75
CA TYR A 222 -10.36 -5.68 12.17
C TYR A 222 -10.23 -6.43 10.86
N ALA A 223 -10.65 -7.71 10.85
CA ALA A 223 -10.60 -8.51 9.63
C ALA A 223 -11.45 -7.86 8.56
N ARG A 224 -12.66 -7.43 8.92
CA ARG A 224 -13.49 -6.74 7.91
C ARG A 224 -12.81 -5.47 7.39
N GLN A 225 -12.13 -4.72 8.25
CA GLN A 225 -11.46 -3.47 7.76
C GLN A 225 -10.43 -3.83 6.69
N ILE A 226 -9.75 -4.96 6.87
CA ILE A 226 -8.72 -5.39 5.93
C ILE A 226 -9.33 -5.95 4.64
N GLU A 227 -10.42 -6.70 4.77
CA GLU A 227 -11.17 -7.19 3.62
C GLU A 227 -11.72 -6.01 2.84
N ALA A 228 -12.29 -5.03 3.53
CA ALA A 228 -12.76 -3.84 2.83
C ALA A 228 -11.60 -3.11 2.15
N GLY A 229 -10.43 -3.09 2.79
CA GLY A 229 -9.23 -2.53 2.16
C GLY A 229 -8.88 -3.21 0.83
N ILE A 230 -8.94 -4.54 0.81
CA ILE A 230 -8.72 -5.30 -0.39
C ILE A 230 -9.71 -4.83 -1.46
N GLU A 231 -10.97 -4.67 -1.07
CA GLU A 231 -12.02 -4.25 -2.00
C GLU A 231 -11.69 -2.86 -2.55
N ARG A 232 -11.16 -2.04 -1.65
CA ARG A 232 -10.83 -0.67 -2.00
C ARG A 232 -9.72 -0.61 -3.06
N VAL A 233 -8.68 -1.40 -2.90
CA VAL A 233 -7.59 -1.42 -3.87
C VAL A 233 -8.11 -1.99 -5.20
N LYS A 234 -8.89 -3.05 -5.12
CA LYS A 234 -9.46 -3.67 -6.33
C LYS A 234 -10.32 -2.69 -7.11
N ALA A 235 -11.07 -1.87 -6.41
CA ALA A 235 -11.97 -0.94 -7.03
C ALA A 235 -11.21 0.12 -7.82
N THR A 236 -9.93 0.35 -7.52
CA THR A 236 -9.13 1.32 -8.25
C THR A 236 -8.48 0.73 -9.51
N LEU A 237 -8.45 -0.59 -9.65
CA LEU A 237 -7.70 -1.19 -10.73
C LEU A 237 -8.22 -0.91 -12.14
N PRO A 238 -9.52 -0.73 -12.30
CA PRO A 238 -9.95 -0.43 -13.67
C PRO A 238 -9.34 0.86 -14.24
N ARG A 239 -9.03 1.84 -13.37
CA ARG A 239 -8.45 3.06 -13.85
C ARG A 239 -6.92 3.12 -13.57
N LEU A 240 -6.44 2.50 -12.49
CA LEU A 240 -5.00 2.42 -12.26
C LEU A 240 -4.29 1.69 -13.41
N GLY A 241 -4.91 0.64 -13.91
CA GLY A 241 -4.35 -0.16 -15.01
C GLY A 241 -4.39 0.45 -16.39
N GLU A 242 -5.03 1.60 -16.56
CA GLU A 242 -4.99 2.34 -17.83
C GLU A 242 -3.56 2.81 -18.11
N LEU A 243 -3.14 2.62 -19.37
CA LEU A 243 -1.82 2.99 -19.85
C LEU A 243 -1.94 3.99 -20.99
N ALA A 244 -1.04 4.98 -21.01
CA ALA A 244 -1.06 6.07 -21.98
C ALA A 244 -0.45 5.62 -23.30
N ILE A 245 0.21 4.45 -23.27
CA ILE A 245 1.05 4.02 -24.36
C ILE A 245 0.32 4.18 -25.67
N GLY A 246 0.96 4.85 -26.62
CA GLY A 246 0.32 5.09 -27.92
C GLY A 246 -0.05 6.53 -28.18
N GLY A 247 -0.26 7.31 -27.10
CA GLY A 247 -0.61 8.71 -27.23
C GLY A 247 0.54 9.62 -27.59
N THR A 248 1.77 9.09 -27.51
CA THR A 248 3.02 9.81 -27.84
C THR A 248 3.11 11.21 -27.19
N ALA A 249 3.40 12.26 -27.94
CA ALA A 249 3.82 13.56 -27.32
C ALA A 249 2.72 14.25 -26.48
N VAL A 250 1.55 14.37 -27.08
CA VAL A 250 0.43 15.10 -26.46
C VAL A 250 -0.88 14.31 -26.36
N GLY A 251 -0.89 13.04 -26.77
CA GLY A 251 -2.12 12.21 -26.74
C GLY A 251 -2.72 11.89 -28.11
N THR A 252 -2.16 12.51 -29.15
CA THR A 252 -2.69 12.34 -30.52
C THR A 252 -2.17 11.10 -31.24
N GLY A 253 -1.09 10.53 -30.72
CA GLY A 253 -0.47 9.36 -31.36
C GLY A 253 0.41 9.67 -32.56
N LEU A 254 0.69 10.95 -32.81
CA LEU A 254 1.59 11.34 -33.89
C LEU A 254 2.90 10.60 -33.74
N ASN A 255 3.41 10.14 -34.88
CA ASN A 255 4.64 9.36 -35.00
C ASN A 255 4.55 7.95 -34.46
N ALA A 256 3.35 7.52 -34.12
CA ALA A 256 3.11 6.12 -33.76
C ALA A 256 2.11 5.54 -34.77
N PRO A 257 2.31 4.29 -35.16
CA PRO A 257 1.37 3.72 -36.10
C PRO A 257 0.01 3.50 -35.46
N GLU A 258 -0.97 3.23 -36.31
CA GLU A 258 -2.35 2.98 -35.91
C GLU A 258 -2.42 1.75 -34.98
N GLY A 259 -3.10 1.91 -33.85
CA GLY A 259 -3.29 0.79 -32.92
C GLY A 259 -2.01 0.33 -32.22
N PHE A 260 -1.00 1.19 -32.17
CA PHE A 260 0.27 0.89 -31.49
C PHE A 260 0.05 0.59 -30.01
N GLY A 261 -0.69 1.47 -29.36
CA GLY A 261 -0.99 1.28 -27.95
C GLY A 261 -1.65 -0.06 -27.63
N ALA A 262 -2.72 -0.39 -28.33
CA ALA A 262 -3.41 -1.67 -28.13
C ALA A 262 -2.44 -2.85 -28.36
N LYS A 263 -1.62 -2.74 -29.41
CA LYS A 263 -0.61 -3.76 -29.68
C LYS A 263 0.42 -3.92 -28.56
N VAL A 264 0.90 -2.80 -28.01
CA VAL A 264 1.90 -2.88 -26.94
C VAL A 264 1.23 -3.46 -25.68
N VAL A 265 -0.01 -3.04 -25.41
CA VAL A 265 -0.72 -3.49 -24.21
C VAL A 265 -0.90 -5.01 -24.27
N GLU A 266 -1.26 -5.52 -25.45
CA GLU A 266 -1.38 -6.96 -25.66
C GLU A 266 -0.08 -7.72 -25.34
N VAL A 267 1.05 -7.22 -25.83
CA VAL A 267 2.34 -7.83 -25.50
C VAL A 267 2.56 -7.78 -23.98
N LEU A 268 2.26 -6.65 -23.36
CA LEU A 268 2.50 -6.48 -21.93
C LEU A 268 1.64 -7.46 -21.10
N VAL A 269 0.38 -7.59 -21.48
CA VAL A 269 -0.53 -8.49 -20.84
C VAL A 269 -0.04 -9.93 -21.04
N ASN A 270 0.42 -10.24 -22.24
CA ASN A 270 0.95 -11.56 -22.51
C ASN A 270 2.18 -11.88 -21.66
N GLU A 271 3.11 -10.92 -21.53
CA GLU A 271 4.39 -11.11 -20.81
C GLU A 271 4.30 -11.08 -19.28
N THR A 272 3.45 -10.20 -18.74
CA THR A 272 3.35 -10.00 -17.30
C THR A 272 2.25 -10.83 -16.65
N GLY A 273 1.26 -11.22 -17.44
CA GLY A 273 0.06 -11.90 -16.92
C GLY A 273 -0.93 -10.95 -16.30
N LEU A 274 -0.65 -9.65 -16.33
CA LEU A 274 -1.52 -8.66 -15.71
C LEU A 274 -2.63 -8.25 -16.67
N ALA A 275 -3.74 -8.97 -16.62
CA ALA A 275 -4.94 -8.64 -17.38
C ALA A 275 -5.53 -7.29 -17.04
N GLU A 276 -5.25 -6.80 -15.83
CA GLU A 276 -5.67 -5.48 -15.40
C GLU A 276 -5.10 -4.33 -16.25
N LEU A 277 -4.01 -4.55 -16.97
CA LEU A 277 -3.44 -3.49 -17.83
C LEU A 277 -4.31 -3.28 -19.06
N ARG A 278 -4.53 -2.03 -19.44
CA ARG A 278 -5.41 -1.68 -20.53
C ARG A 278 -5.07 -0.33 -21.14
N THR A 279 -5.58 -0.11 -22.35
CA THR A 279 -5.43 1.15 -23.03
C THR A 279 -6.27 2.21 -22.31
N ALA A 280 -5.82 3.46 -22.36
CA ALA A 280 -6.53 4.56 -21.74
C ALA A 280 -7.87 4.76 -22.37
N VAL A 281 -8.87 5.09 -21.55
CA VAL A 281 -10.18 5.45 -22.07
C VAL A 281 -10.13 6.71 -22.92
N ASP A 282 -9.47 7.74 -22.43
CA ASP A 282 -9.24 8.94 -23.22
C ASP A 282 -7.75 9.27 -23.14
N SER A 283 -7.13 9.36 -24.31
CA SER A 283 -5.67 9.45 -24.42
C SER A 283 -5.12 10.82 -24.01
N PHE A 284 -5.97 11.83 -23.95
CA PHE A 284 -5.57 13.13 -23.43
C PHE A 284 -5.61 13.13 -21.89
N GLU A 285 -6.68 12.61 -21.30
CA GLU A 285 -6.78 12.49 -19.84
C GLU A 285 -5.64 11.66 -19.27
N ALA A 286 -5.22 10.65 -20.03
CA ALA A 286 -4.17 9.72 -19.60
C ALA A 286 -2.77 10.35 -19.59
N GLN A 287 -2.62 11.52 -20.18
CA GLN A 287 -1.29 12.17 -20.12
C GLN A 287 -1.34 13.52 -19.44
N ALA A 288 -2.45 14.23 -19.61
CA ALA A 288 -2.67 15.55 -18.98
C ALA A 288 -2.86 15.43 -17.47
N ALA A 289 -3.16 14.23 -17.00
CA ALA A 289 -3.41 13.97 -15.60
C ALA A 289 -2.86 12.62 -15.23
N ARG A 290 -2.67 12.46 -13.93
CA ARG A 290 -2.34 11.20 -13.29
C ARG A 290 -3.40 10.93 -12.20
N ASP A 291 -4.66 11.15 -12.57
CA ASP A 291 -5.78 10.96 -11.64
C ASP A 291 -5.90 9.55 -11.10
N GLY A 292 -5.51 8.54 -11.87
CA GLY A 292 -5.54 7.16 -11.39
C GLY A 292 -4.55 6.88 -10.26
N LEU A 293 -3.47 7.64 -10.20
CA LEU A 293 -2.47 7.51 -9.14
C LEU A 293 -3.00 8.12 -7.84
N VAL A 294 -3.69 9.26 -7.93
CA VAL A 294 -4.33 9.89 -6.79
C VAL A 294 -5.42 8.94 -6.27
N GLU A 295 -6.25 8.41 -7.19
CA GLU A 295 -7.28 7.40 -6.81
C GLU A 295 -6.67 6.24 -6.06
N ALA A 296 -5.62 5.65 -6.62
CA ALA A 296 -4.97 4.49 -6.00
C ALA A 296 -4.45 4.87 -4.60
N SER A 297 -3.88 6.05 -4.46
CA SER A 297 -3.32 6.46 -3.16
C SER A 297 -4.41 6.61 -2.12
N GLY A 298 -5.59 7.05 -2.55
CA GLY A 298 -6.74 7.18 -1.66
C GLY A 298 -7.11 5.85 -1.04
N ALA A 299 -7.07 4.79 -1.85
CA ALA A 299 -7.35 3.45 -1.29
C ALA A 299 -6.27 3.10 -0.25
N LEU A 300 -5.00 3.40 -0.53
CA LEU A 300 -3.92 3.05 0.42
C LEU A 300 -4.01 3.88 1.71
N ARG A 301 -4.35 5.15 1.56
CA ARG A 301 -4.57 6.02 2.71
C ARG A 301 -5.74 5.46 3.57
N THR A 302 -6.79 4.97 2.92
CA THR A 302 -7.86 4.37 3.72
C THR A 302 -7.31 3.16 4.49
N ILE A 303 -6.52 2.31 3.82
CA ILE A 303 -5.91 1.17 4.50
C ILE A 303 -5.05 1.62 5.70
N ALA A 304 -4.30 2.71 5.55
CA ALA A 304 -3.49 3.26 6.63
C ALA A 304 -4.34 3.71 7.82
N VAL A 305 -5.49 4.31 7.52
CA VAL A 305 -6.45 4.70 8.57
C VAL A 305 -6.93 3.47 9.32
N SER A 306 -7.20 2.39 8.59
CA SER A 306 -7.71 1.14 9.19
C SER A 306 -6.62 0.50 10.03
N LEU A 307 -5.42 0.40 9.47
CA LEU A 307 -4.29 -0.18 10.21
C LEU A 307 -3.94 0.60 11.49
N THR A 308 -4.11 1.92 11.51
CA THR A 308 -3.82 2.69 12.74
C THR A 308 -4.74 2.26 13.88
N LYS A 309 -6.02 2.14 13.56
CA LYS A 309 -7.01 1.63 14.51
C LYS A 309 -6.67 0.21 14.96
N ILE A 310 -6.36 -0.67 14.02
CA ILE A 310 -6.10 -2.07 14.40
C ILE A 310 -4.88 -2.16 15.31
N ALA A 311 -3.80 -1.54 14.90
CA ALA A 311 -2.54 -1.58 15.62
C ALA A 311 -2.68 -0.91 16.99
N ASN A 312 -3.36 0.22 17.05
CA ASN A 312 -3.54 0.93 18.32
C ASN A 312 -4.28 0.10 19.34
N ASP A 313 -5.35 -0.52 18.89
CA ASP A 313 -6.13 -1.38 19.75
C ASP A 313 -5.26 -2.51 20.28
N ILE A 314 -4.53 -3.16 19.38
CA ILE A 314 -3.72 -4.31 19.76
C ILE A 314 -2.63 -3.90 20.80
N ARG A 315 -1.96 -2.76 20.62
CA ARG A 315 -0.93 -2.37 21.60
C ARG A 315 -1.55 -1.96 22.92
N TRP A 316 -2.71 -1.33 22.85
CA TRP A 316 -3.49 -1.10 24.08
C TRP A 316 -3.95 -2.36 24.80
N MET A 317 -4.41 -3.37 24.06
CA MET A 317 -4.79 -4.63 24.69
C MET A 317 -3.56 -5.28 25.32
N GLY A 318 -2.41 -5.09 24.68
CA GLY A 318 -1.16 -5.61 25.18
C GLY A 318 -0.48 -4.81 26.28
N SER A 319 -1.07 -3.69 26.71
CA SER A 319 -0.38 -2.72 27.56
C SER A 319 -0.24 -3.22 28.94
N GLY A 320 0.86 -2.85 29.59
CA GLY A 320 1.13 -3.30 30.96
C GLY A 320 2.57 -3.75 31.09
N PRO A 321 2.82 -4.90 31.73
CA PRO A 321 1.90 -5.89 32.27
C PRO A 321 1.08 -5.51 33.50
N LEU A 322 1.50 -4.52 34.28
CA LEU A 322 0.79 -4.21 35.53
C LEU A 322 0.04 -2.86 35.59
N THR A 323 0.43 -1.87 34.78
CA THR A 323 -0.15 -0.55 34.83
C THR A 323 -1.06 -0.25 33.63
N GLY A 324 -1.37 -1.26 32.81
CA GLY A 324 -2.24 -1.08 31.63
C GLY A 324 -3.44 -2.02 31.61
N LEU A 325 -3.86 -2.41 30.41
CA LEU A 325 -5.10 -3.20 30.25
C LEU A 325 -4.83 -4.69 30.38
N ALA A 326 -3.65 -5.12 29.96
CA ALA A 326 -3.21 -6.51 30.03
C ALA A 326 -4.28 -7.50 29.61
N GLU A 327 -4.91 -7.27 28.46
CA GLU A 327 -5.92 -8.18 27.89
C GLU A 327 -5.32 -9.32 27.09
N ILE A 328 -4.26 -9.02 26.35
CA ILE A 328 -3.57 -10.02 25.55
C ILE A 328 -2.07 -9.93 25.79
N GLN A 329 -1.34 -10.88 25.25
CA GLN A 329 0.12 -10.82 25.23
C GLN A 329 0.57 -10.95 23.78
N LEU A 330 1.35 -9.96 23.35
CA LEU A 330 1.96 -9.97 22.03
C LEU A 330 3.25 -10.77 22.10
N PRO A 331 3.61 -11.44 21.00
CA PRO A 331 4.91 -12.12 20.97
C PRO A 331 6.07 -11.15 21.19
N ASP A 332 7.02 -11.51 22.06
CA ASP A 332 8.28 -10.77 22.23
C ASP A 332 9.11 -10.82 20.95
N LEU A 333 9.58 -9.67 20.48
CA LEU A 333 10.43 -9.64 19.26
C LEU A 333 11.87 -9.19 19.50
N GLN A 334 12.09 -8.42 20.56
CA GLN A 334 13.44 -7.94 20.88
C GLN A 334 13.42 -7.29 22.27
N PRO A 335 14.61 -7.14 22.91
CA PRO A 335 14.64 -6.45 24.18
C PRO A 335 14.09 -5.05 24.06
N GLY A 336 13.23 -4.68 25.01
CA GLY A 336 12.50 -3.44 24.92
C GLY A 336 13.33 -2.19 25.00
N SER A 337 14.20 -2.16 26.01
CA SER A 337 14.84 -0.93 26.45
C SER A 337 16.33 -1.07 26.75
N SER A 338 17.11 -0.13 26.19
CA SER A 338 18.54 -0.02 26.52
C SER A 338 18.76 0.23 28.02
N ILE A 339 17.80 0.88 28.67
CA ILE A 339 17.94 1.25 30.08
C ILE A 339 17.13 0.38 31.04
N MET A 340 15.84 0.12 30.77
CA MET A 340 14.98 -0.60 31.72
C MET A 340 15.02 -2.12 31.41
N PRO A 341 15.77 -2.90 32.21
CA PRO A 341 15.88 -4.35 31.99
C PRO A 341 14.54 -5.07 32.04
N GLY A 342 14.35 -6.01 31.11
CA GLY A 342 13.19 -6.89 31.10
C GLY A 342 11.99 -6.39 30.32
N LYS A 343 11.90 -5.08 30.12
CA LYS A 343 10.78 -4.47 29.41
C LYS A 343 10.75 -4.97 27.96
N VAL A 344 9.57 -5.26 27.43
CA VAL A 344 9.37 -5.53 26.00
C VAL A 344 8.19 -4.69 25.47
N ASN A 345 8.39 -4.12 24.31
CA ASN A 345 7.47 -3.15 23.73
C ASN A 345 6.81 -3.69 22.47
N PRO A 346 5.60 -3.19 22.13
CA PRO A 346 4.85 -3.60 20.94
C PRO A 346 5.48 -3.01 19.68
N VAL A 347 6.63 -3.53 19.29
CA VAL A 347 7.40 -2.89 18.22
C VAL A 347 6.71 -3.02 16.86
N LEU A 348 5.93 -4.06 16.66
CA LEU A 348 5.31 -4.25 15.34
C LEU A 348 4.14 -3.26 15.15
N PRO A 349 3.30 -3.09 16.17
CA PRO A 349 2.30 -2.02 16.07
C PRO A 349 2.90 -0.64 15.84
N GLU A 350 4.07 -0.39 16.42
CA GLU A 350 4.78 0.86 16.20
C GLU A 350 5.25 1.00 14.76
N ALA A 351 5.72 -0.11 14.18
CA ALA A 351 6.13 -0.08 12.76
C ALA A 351 4.91 0.18 11.88
N VAL A 352 3.79 -0.44 12.20
CA VAL A 352 2.56 -0.30 11.43
C VAL A 352 2.03 1.13 11.46
N THR A 353 1.95 1.70 12.65
CA THR A 353 1.46 3.06 12.80
C THR A 353 2.41 4.10 12.16
N GLN A 354 3.70 3.88 12.23
CA GLN A 354 4.62 4.80 11.57
C GLN A 354 4.49 4.69 10.05
N VAL A 355 4.29 3.47 9.53
CA VAL A 355 4.09 3.27 8.11
C VAL A 355 2.82 4.00 7.68
N ALA A 356 1.78 3.93 8.52
CA ALA A 356 0.51 4.58 8.21
C ALA A 356 0.68 6.09 8.07
N CYS A 357 1.46 6.70 8.96
CA CYS A 357 1.84 8.11 8.83
C CYS A 357 2.52 8.40 7.49
N GLN A 358 3.41 7.51 7.06
CA GLN A 358 4.16 7.75 5.86
C GLN A 358 3.24 7.70 4.63
N VAL A 359 2.32 6.75 4.65
CA VAL A 359 1.35 6.62 3.59
C VAL A 359 0.47 7.84 3.49
N VAL A 360 0.04 8.38 4.62
CA VAL A 360 -0.73 9.61 4.66
C VAL A 360 0.07 10.79 4.11
N GLY A 361 1.31 10.95 4.56
CA GLY A 361 2.21 11.97 4.00
C GLY A 361 2.34 11.80 2.48
N ASN A 362 2.71 10.60 2.08
CA ASN A 362 2.89 10.30 0.66
C ASN A 362 1.63 10.64 -0.16
N ASP A 363 0.48 10.34 0.41
CA ASP A 363 -0.79 10.59 -0.23
C ASP A 363 -1.02 12.10 -0.46
N ALA A 364 -0.64 12.93 0.50
CA ALA A 364 -0.78 14.38 0.32
C ALA A 364 0.18 14.89 -0.76
N ALA A 365 1.37 14.31 -0.85
CA ALA A 365 2.32 14.67 -1.87
C ALA A 365 1.77 14.32 -3.25
N ILE A 366 1.21 13.11 -3.36
CA ILE A 366 0.65 12.62 -4.63
C ILE A 366 -0.47 13.54 -5.14
N ALA A 367 -1.39 13.91 -4.26
CA ALA A 367 -2.52 14.73 -4.65
C ALA A 367 -2.06 16.16 -5.05
N PHE A 368 -1.14 16.76 -4.31
CA PHE A 368 -0.60 18.07 -4.67
C PHE A 368 -0.01 18.07 -6.09
N GLY A 369 0.78 17.06 -6.41
CA GLY A 369 1.30 16.90 -7.78
C GLY A 369 0.20 16.64 -8.78
N GLY A 370 -0.77 15.79 -8.41
CA GLY A 370 -1.86 15.49 -9.32
C GLY A 370 -2.68 16.70 -9.81
N ALA A 371 -2.90 17.62 -8.88
CA ALA A 371 -3.68 18.83 -9.13
C ALA A 371 -2.95 19.88 -9.98
N SER A 372 -1.65 19.67 -10.21
CA SER A 372 -0.76 20.68 -10.74
C SER A 372 -0.40 20.47 -12.21
N GLY A 373 -1.22 19.69 -12.91
CA GLY A 373 -1.05 19.49 -14.34
C GLY A 373 -1.31 20.74 -15.14
N ALA A 374 -0.80 20.77 -16.36
CA ALA A 374 -1.03 21.88 -17.27
C ALA A 374 -1.14 21.40 -18.73
N PHE A 375 -2.24 21.80 -19.36
CA PHE A 375 -2.52 21.49 -20.74
C PHE A 375 -2.28 20.01 -21.01
N GLU A 376 -1.36 19.68 -21.92
CA GLU A 376 -1.26 18.30 -22.40
C GLU A 376 -0.43 17.36 -21.55
N LEU A 377 0.10 17.84 -20.42
CA LEU A 377 0.98 17.00 -19.62
C LEU A 377 1.04 17.41 -18.18
N ASN A 378 0.76 16.45 -17.29
CA ASN A 378 1.10 16.62 -15.89
C ASN A 378 2.56 16.26 -15.67
N VAL A 379 3.37 17.21 -15.22
CA VAL A 379 4.81 17.01 -15.06
C VAL A 379 5.25 16.88 -13.60
N TYR A 380 4.54 16.01 -12.89
CA TYR A 380 4.87 15.58 -11.55
C TYR A 380 5.03 14.08 -11.45
N ILE A 381 5.33 13.40 -12.56
CA ILE A 381 5.15 11.95 -12.58
C ILE A 381 6.15 11.21 -11.68
N PRO A 382 7.45 11.60 -11.75
CA PRO A 382 8.41 10.89 -10.94
C PRO A 382 8.14 10.99 -9.45
N MET A 383 7.72 12.16 -8.99
CA MET A 383 7.44 12.36 -7.58
C MET A 383 6.18 11.55 -7.20
N MET A 384 5.14 11.54 -8.05
CA MET A 384 3.92 10.78 -7.79
C MET A 384 4.21 9.28 -7.75
N ALA A 385 5.00 8.82 -8.71
CA ALA A 385 5.39 7.43 -8.78
C ALA A 385 6.16 7.01 -7.54
N ARG A 386 7.16 7.80 -7.16
CA ARG A 386 7.98 7.48 -5.98
C ARG A 386 7.11 7.27 -4.78
N ASN A 387 6.21 8.22 -4.56
CA ASN A 387 5.37 8.17 -3.37
C ASN A 387 4.35 7.02 -3.37
N LEU A 388 3.74 6.76 -4.52
CA LEU A 388 2.71 5.75 -4.61
C LEU A 388 3.34 4.36 -4.45
N LEU A 389 4.43 4.13 -5.18
CA LEU A 389 5.11 2.86 -5.14
C LEU A 389 5.65 2.61 -3.73
N GLU A 390 6.15 3.65 -3.06
CA GLU A 390 6.63 3.43 -1.70
C GLU A 390 5.45 3.01 -0.83
N SER A 391 4.31 3.68 -0.94
CA SER A 391 3.17 3.29 -0.09
C SER A 391 2.75 1.83 -0.30
N PHE A 392 2.71 1.37 -1.56
CA PHE A 392 2.44 -0.03 -1.86
C PHE A 392 3.43 -0.93 -1.10
N THR A 393 4.71 -0.58 -1.17
CA THR A 393 5.78 -1.39 -0.60
C THR A 393 5.71 -1.46 0.91
N LEU A 394 5.56 -0.31 1.54
CA LEU A 394 5.58 -0.25 2.99
C LEU A 394 4.39 -1.02 3.54
N LEU A 395 3.24 -0.85 2.89
CA LEU A 395 2.02 -1.50 3.32
C LEU A 395 2.06 -3.03 3.10
N SER A 396 2.59 -3.48 1.94
CA SER A 396 2.74 -4.90 1.66
C SER A 396 3.68 -5.58 2.66
N ASN A 397 4.84 -4.98 2.89
CA ASN A 397 5.81 -5.53 3.80
C ASN A 397 5.38 -5.50 5.25
N VAL A 398 4.89 -4.37 5.76
CA VAL A 398 4.46 -4.31 7.17
C VAL A 398 3.19 -5.13 7.46
N SER A 399 2.32 -5.32 6.48
CA SER A 399 1.10 -6.11 6.69
C SER A 399 1.43 -7.57 6.94
N ARG A 400 2.39 -8.10 6.20
CA ARG A 400 2.78 -9.49 6.35
C ARG A 400 3.52 -9.70 7.67
N LEU A 401 4.40 -8.77 8.01
CA LEU A 401 5.14 -8.85 9.28
C LEU A 401 4.18 -8.79 10.46
N PHE A 402 3.20 -7.92 10.36
CA PHE A 402 2.22 -7.71 11.42
C PHE A 402 1.40 -8.98 11.63
N ALA A 403 0.95 -9.56 10.53
CA ALA A 403 0.23 -10.85 10.55
C ALA A 403 1.03 -11.96 11.21
N GLU A 404 2.28 -12.13 10.78
CA GLU A 404 3.07 -13.29 11.14
C GLU A 404 3.86 -13.15 12.45
N ARG A 405 4.34 -11.93 12.74
CA ARG A 405 5.20 -11.73 13.89
C ARG A 405 4.45 -11.11 15.05
N CYS A 406 3.18 -10.83 14.87
CA CYS A 406 2.39 -10.25 15.90
C CYS A 406 1.05 -10.97 16.04
N ILE A 407 0.18 -10.83 15.05
CA ILE A 407 -1.19 -11.32 15.15
C ILE A 407 -1.23 -12.84 15.43
N ASP A 408 -0.48 -13.62 14.65
CA ASP A 408 -0.56 -15.08 14.75
C ASP A 408 -0.25 -15.59 16.16
N GLY A 409 0.67 -14.95 16.87
CA GLY A 409 1.13 -15.42 18.19
C GLY A 409 0.48 -14.74 19.39
N LEU A 410 -0.47 -13.84 19.15
CA LEU A 410 -1.20 -13.19 20.23
C LEU A 410 -1.85 -14.24 21.11
N VAL A 411 -1.69 -14.08 22.43
CA VAL A 411 -2.30 -14.96 23.43
C VAL A 411 -3.22 -14.16 24.31
N ALA A 412 -4.48 -14.60 24.42
CA ALA A 412 -5.49 -13.90 25.22
C ALA A 412 -5.44 -14.32 26.71
N ASN A 413 -5.73 -13.37 27.61
CA ASN A 413 -5.79 -13.61 29.07
C ASN A 413 -7.24 -13.84 29.47
N GLU A 414 -7.73 -15.05 29.20
CA GLU A 414 -9.16 -15.33 29.21
C GLU A 414 -9.83 -15.06 30.54
N GLU A 415 -9.19 -15.44 31.65
CA GLU A 415 -9.81 -15.26 32.98
C GLU A 415 -9.87 -13.77 33.33
N ARG A 416 -8.78 -13.05 33.14
CA ARG A 416 -8.80 -11.60 33.35
C ARG A 416 -9.92 -10.94 32.52
N LEU A 417 -9.98 -11.27 31.23
CA LEU A 417 -11.01 -10.76 30.35
C LEU A 417 -12.45 -11.03 30.91
N ARG A 418 -12.74 -12.24 31.40
CA ARG A 418 -14.09 -12.54 31.93
C ARG A 418 -14.41 -11.72 33.18
N GLU A 419 -13.41 -11.43 34.00
CA GLU A 419 -13.57 -10.53 35.15
C GLU A 419 -13.81 -9.08 34.68
N LEU A 420 -13.06 -8.62 33.70
CA LEU A 420 -13.28 -7.29 33.11
C LEU A 420 -14.76 -7.14 32.68
N ALA A 421 -15.30 -8.16 32.02
CA ALA A 421 -16.69 -8.13 31.53
C ALA A 421 -17.67 -8.01 32.70
N GLU A 422 -17.50 -8.87 33.70
CA GLU A 422 -18.39 -8.93 34.86
C GLU A 422 -18.24 -7.73 35.83
N SER A 423 -17.25 -6.86 35.62
CA SER A 423 -17.01 -5.70 36.50
C SER A 423 -17.67 -4.41 35.99
N SER A 424 -17.84 -4.29 34.67
CA SER A 424 -18.47 -3.11 34.08
C SER A 424 -19.81 -2.78 34.75
N PRO A 425 -20.03 -1.48 35.04
CA PRO A 425 -21.31 -1.10 35.61
C PRO A 425 -22.42 -1.23 34.59
N SER A 426 -22.05 -1.05 33.31
CA SER A 426 -23.02 -1.03 32.19
C SER A 426 -23.67 -2.37 31.90
N ILE A 427 -23.37 -3.41 32.67
CA ILE A 427 -24.13 -4.67 32.60
C ILE A 427 -25.57 -4.50 33.12
N VAL A 428 -25.91 -3.29 33.59
CA VAL A 428 -27.29 -2.95 33.98
C VAL A 428 -28.17 -2.69 32.76
N THR A 429 -27.54 -2.28 31.65
CA THR A 429 -28.21 -1.92 30.40
C THR A 429 -29.38 -2.83 29.94
N PRO A 430 -29.22 -4.17 30.00
CA PRO A 430 -30.33 -5.03 29.53
C PRO A 430 -31.57 -5.09 30.45
N LEU A 431 -31.49 -4.45 31.62
CA LEU A 431 -32.62 -4.22 32.51
C LEU A 431 -33.51 -3.02 32.10
N ASN A 432 -33.03 -2.20 31.17
CA ASN A 432 -33.78 -1.01 30.64
C ASN A 432 -35.27 -1.21 30.36
N SER A 433 -35.59 -2.29 29.64
CA SER A 433 -36.97 -2.54 29.19
C SER A 433 -37.89 -2.93 30.35
N ALA A 434 -37.29 -3.32 31.48
CA ALA A 434 -38.03 -3.82 32.63
C ALA A 434 -38.17 -2.76 33.73
N ILE A 435 -37.15 -1.92 33.86
CA ILE A 435 -37.13 -0.89 34.92
C ILE A 435 -36.98 0.56 34.40
N GLY A 436 -36.73 0.70 33.09
CA GLY A 436 -36.60 2.02 32.49
C GLY A 436 -35.23 2.63 32.69
N TYR A 437 -34.81 3.43 31.71
CA TYR A 437 -33.49 4.06 31.70
C TYR A 437 -33.17 4.80 33.02
N GLU A 438 -34.13 5.55 33.54
CA GLU A 438 -33.87 6.39 34.71
C GLU A 438 -33.59 5.58 36.00
N GLU A 439 -34.36 4.53 36.27
CA GLU A 439 -34.12 3.69 37.47
C GLU A 439 -32.83 2.89 37.30
N ALA A 440 -32.59 2.41 36.08
CA ALA A 440 -31.34 1.72 35.73
C ALA A 440 -30.09 2.54 36.09
N ALA A 441 -30.13 3.84 35.76
CA ALA A 441 -29.03 4.79 36.05
C ALA A 441 -28.82 4.99 37.54
N LYS A 442 -29.91 4.94 38.29
CA LYS A 442 -29.89 4.98 39.75
C LYS A 442 -29.20 3.73 40.33
N VAL A 443 -29.34 2.59 39.65
CA VAL A 443 -28.67 1.36 40.07
C VAL A 443 -27.16 1.47 39.84
N ALA A 444 -26.76 1.99 38.67
CA ALA A 444 -25.34 2.14 38.34
C ALA A 444 -24.59 3.11 39.26
N LYS A 445 -25.21 4.24 39.60
CA LYS A 445 -24.57 5.23 40.46
C LYS A 445 -24.44 4.72 41.91
N GLN A 446 -25.43 3.95 42.36
CA GLN A 446 -25.41 3.38 43.73
C GLN A 446 -24.43 2.21 43.88
N ALA A 447 -24.30 1.40 42.83
CA ALA A 447 -23.39 0.24 42.83
C ALA A 447 -21.91 0.64 42.89
N LEU A 448 -21.57 1.74 42.21
CA LEU A 448 -20.20 2.27 42.16
C LEU A 448 -19.79 2.97 43.47
N ALA A 449 -20.72 3.70 44.08
CA ALA A 449 -20.47 4.37 45.36
C ALA A 449 -20.37 3.39 46.52
N GLU A 450 -20.88 2.17 46.34
CA GLU A 450 -20.88 1.12 47.39
C GLU A 450 -19.72 0.12 47.24
N LYS A 451 -19.17 0.04 46.03
CA LYS A 451 -18.21 -1.02 45.64
C LYS A 451 -18.90 -2.40 45.62
N LYS A 452 -20.18 -2.42 45.24
CA LYS A 452 -20.99 -3.64 45.17
C LYS A 452 -21.38 -3.97 43.72
N THR A 453 -22.01 -5.13 43.52
CA THR A 453 -22.40 -5.61 42.18
C THR A 453 -23.75 -5.04 41.72
N ILE A 454 -24.01 -5.07 40.40
CA ILE A 454 -25.30 -4.66 39.82
C ILE A 454 -26.47 -5.50 40.36
N ARG A 455 -26.25 -6.82 40.47
CA ARG A 455 -27.25 -7.75 41.01
C ARG A 455 -27.62 -7.35 42.43
N GLN A 456 -26.62 -6.97 43.23
CA GLN A 456 -26.82 -6.60 44.63
C GLN A 456 -27.57 -5.28 44.79
N THR A 457 -27.23 -4.30 43.96
CA THR A 457 -27.83 -2.95 44.02
C THR A 457 -29.32 -2.93 43.60
N VAL A 458 -29.70 -3.85 42.70
CA VAL A 458 -31.09 -3.96 42.21
C VAL A 458 -31.98 -4.73 43.18
N ILE A 459 -31.42 -5.78 43.79
CA ILE A 459 -32.11 -6.58 44.80
C ILE A 459 -32.21 -5.80 46.12
N ASP A 460 -31.17 -4.99 46.41
CA ASP A 460 -31.18 -4.07 47.55
C ASP A 460 -32.17 -2.93 47.27
N ARG A 461 -32.26 -2.49 46.01
CA ARG A 461 -33.19 -1.41 45.62
C ARG A 461 -34.67 -1.85 45.60
N GLY A 462 -34.94 -3.13 45.86
CA GLY A 462 -36.31 -3.65 45.92
C GLY A 462 -37.02 -3.77 44.58
N LEU A 463 -36.25 -3.81 43.48
CA LEU A 463 -36.80 -3.87 42.11
C LEU A 463 -37.34 -5.27 41.75
N ILE A 464 -36.80 -6.32 42.39
CA ILE A 464 -37.25 -7.68 42.15
C ILE A 464 -38.69 -7.85 42.63
N GLY A 465 -39.56 -8.36 41.76
CA GLY A 465 -40.98 -8.58 42.08
C GLY A 465 -41.92 -8.09 41.00
N LEU A 468 -40.03 -8.06 36.94
CA LEU A 468 -38.63 -8.37 37.09
C LEU A 468 -38.36 -9.33 38.27
N SER A 469 -38.17 -10.62 37.94
CA SER A 469 -37.92 -11.68 38.94
C SER A 469 -36.43 -11.92 39.22
N LEU A 470 -36.16 -12.72 40.26
CA LEU A 470 -34.79 -13.10 40.64
C LEU A 470 -34.12 -13.93 39.53
N GLU A 471 -34.88 -14.85 38.95
CA GLU A 471 -34.38 -15.69 37.85
C GLU A 471 -34.11 -14.86 36.57
N GLU A 472 -34.94 -13.85 36.31
CA GLU A 472 -34.80 -12.99 35.13
C GLU A 472 -33.59 -12.06 35.23
N LEU A 473 -33.36 -11.47 36.41
CA LEU A 473 -32.19 -10.61 36.63
C LEU A 473 -30.89 -11.34 36.27
N ASP A 474 -30.77 -12.61 36.71
CA ASP A 474 -29.56 -13.43 36.44
C ASP A 474 -29.34 -13.73 34.94
N ARG A 475 -30.41 -14.18 34.28
CA ARG A 475 -30.35 -14.49 32.84
C ARG A 475 -29.88 -13.29 32.03
N ARG A 476 -30.43 -12.12 32.34
CA ARG A 476 -30.03 -10.88 31.65
C ARG A 476 -28.60 -10.43 31.98
N LEU A 477 -28.11 -10.79 33.18
CA LEU A 477 -26.76 -10.42 33.64
C LEU A 477 -25.63 -11.38 33.22
N ASP A 478 -25.94 -12.53 32.62
CA ASP A 478 -24.91 -13.39 32.02
C ASP A 478 -24.14 -12.65 30.89
N VAL A 479 -22.84 -12.45 31.08
CA VAL A 479 -22.07 -11.57 30.21
C VAL A 479 -21.84 -12.15 28.79
N LEU A 480 -21.66 -13.45 28.66
CA LEU A 480 -21.40 -14.05 27.35
C LEU A 480 -22.71 -14.05 26.55
N ALA A 481 -23.85 -14.28 27.23
CA ALA A 481 -25.14 -14.12 26.59
C ALA A 481 -25.35 -12.67 26.15
N MET A 482 -24.92 -11.71 26.99
CA MET A 482 -24.95 -10.30 26.61
C MET A 482 -24.19 -9.97 25.35
N ALA A 483 -23.09 -10.67 25.07
CA ALA A 483 -22.27 -10.41 23.85
C ALA A 483 -22.92 -10.87 22.56
N ARG A 484 -23.94 -11.72 22.66
CA ARG A 484 -24.77 -12.11 21.52
C ARG A 484 -23.98 -12.79 20.39
N VAL A 485 -23.09 -13.71 20.78
CA VAL A 485 -22.27 -14.50 19.87
C VAL A 485 -23.07 -15.20 18.76
N LYS A 486 -22.61 -15.04 17.53
CA LYS A 486 -23.18 -15.72 16.35
C LYS A 486 -22.72 -17.18 16.27
#